data_3HCD
#
_entry.id   3HCD
#
_cell.length_a   93.649
_cell.length_b   93.649
_cell.length_c   187.289
_cell.angle_alpha   90.00
_cell.angle_beta   90.00
_cell.angle_gamma   90.00
#
_symmetry.space_group_name_H-M   'P 43 21 2'
#
loop_
_entity.id
_entity.type
_entity.pdbx_description
1 polymer 'Phenylethanolamine N-methyltransferase'
2 non-polymer S-ADENOSYL-L-HOMOCYSTEINE
3 non-polymer L-NOREPINEPHRINE
4 water water
#
_entity_poly.entity_id   1
_entity_poly.type   'polypeptide(L)'
_entity_poly.pdbx_seq_one_letter_code
;MSGADRSPNAGAAPDSAPGQAAVASAYQRFEPRAYLRNNYAPPRGDLCNPNGVGPWKLRCLAQTFATGEVSGRTLIDIGS
GPTVYQLLSACSHFEDITMTDFLEVNRQELGRWLQEEPGAFNWSMYSQHACLIEGKGECWQDKERQLRARVKRVLPIDVH
QPQPLGAGSPAPLPADALVSAFCLEAVSPDLASFQRALDHITTLLRPGGHLLLIGALEESWYLAGEARLTVVPVSEEEVR
EALVRSGYKVRDLRTYIMPAHLQTGVDDVKGVFFAWAQKVGLEHHHHHH
;
_entity_poly.pdbx_strand_id   A,B
#
# COMPACT_ATOMS: atom_id res chain seq x y z
N ALA A 24 -18.41 9.66 34.30
CA ALA A 24 -17.09 9.02 34.20
C ALA A 24 -17.18 7.52 34.42
N SER A 25 -17.90 7.11 35.48
CA SER A 25 -18.08 5.70 35.79
C SER A 25 -18.79 4.95 34.64
N ALA A 26 -19.37 5.71 33.71
CA ALA A 26 -19.91 5.13 32.47
C ALA A 26 -18.79 4.46 31.67
N TYR A 27 -17.58 4.99 31.83
CA TYR A 27 -16.41 4.43 31.16
C TYR A 27 -15.99 3.06 31.64
N GLN A 28 -16.58 2.64 32.77
CA GLN A 28 -16.23 1.37 33.37
C GLN A 28 -16.87 0.21 32.61
N ARG A 29 -17.69 0.55 31.62
CA ARG A 29 -18.29 -0.47 30.78
C ARG A 29 -17.86 -0.33 29.32
N PHE A 30 -16.98 0.64 29.08
CA PHE A 30 -16.40 0.89 27.75
C PHE A 30 -15.71 -0.36 27.20
N GLU A 31 -16.16 -0.83 26.04
CA GLU A 31 -15.57 -2.01 25.38
C GLU A 31 -14.73 -1.64 24.14
N PRO A 32 -13.40 -1.71 24.27
CA PRO A 32 -12.47 -1.38 23.17
C PRO A 32 -12.87 -2.03 21.84
N ARG A 33 -13.16 -3.32 21.83
CA ARG A 33 -13.45 -3.99 20.56
C ARG A 33 -14.68 -3.41 19.87
N ALA A 34 -15.67 -3.01 20.64
CA ALA A 34 -16.87 -2.41 20.07
C ALA A 34 -16.59 -1.00 19.60
N TYR A 35 -15.79 -0.27 20.36
CA TYR A 35 -15.45 1.08 19.96
C TYR A 35 -14.69 1.03 18.62
N LEU A 36 -13.63 0.22 18.57
CA LEU A 36 -12.84 0.08 17.35
C LEU A 36 -13.74 -0.30 16.19
N ARG A 37 -14.63 -1.25 16.43
CA ARG A 37 -15.52 -1.75 15.39
C ARG A 37 -16.51 -0.67 14.91
N ASN A 38 -16.91 0.21 15.83
CA ASN A 38 -17.91 1.22 15.52
C ASN A 38 -17.31 2.35 14.71
N ASN A 39 -16.00 2.57 14.86
CA ASN A 39 -15.36 3.77 14.34
C ASN A 39 -14.14 3.54 13.45
N TYR A 40 -13.66 2.31 13.40
CA TYR A 40 -12.45 2.02 12.66
C TYR A 40 -12.56 0.79 11.78
N ALA A 41 -13.76 0.24 11.67
CA ALA A 41 -14.07 -0.82 10.69
C ALA A 41 -15.12 -0.25 9.72
N PRO A 42 -15.36 -0.95 8.61
CA PRO A 42 -16.22 -0.28 7.62
C PRO A 42 -17.59 0.01 8.23
N PRO A 43 -18.30 1.05 7.75
CA PRO A 43 -17.92 1.97 6.66
C PRO A 43 -16.85 3.02 7.03
N ARG A 44 -16.82 3.48 8.27
CA ARG A 44 -15.91 4.57 8.61
C ARG A 44 -14.47 4.14 8.46
N GLY A 45 -14.24 2.83 8.57
CA GLY A 45 -12.90 2.25 8.49
C GLY A 45 -12.49 1.75 7.12
N ASP A 46 -13.36 1.89 6.13
CA ASP A 46 -13.03 1.61 4.73
C ASP A 46 -12.39 2.87 4.15
N LEU A 47 -11.08 2.85 3.99
CA LEU A 47 -10.33 4.06 3.64
C LEU A 47 -10.21 4.30 2.13
N CYS A 48 -10.87 3.46 1.34
CA CYS A 48 -10.78 3.57 -0.10
C CYS A 48 -11.31 4.88 -0.65
N ASN A 49 -12.44 5.35 -0.13
CA ASN A 49 -12.99 6.63 -0.54
C ASN A 49 -12.26 7.77 0.17
N PRO A 50 -11.63 8.66 -0.61
CA PRO A 50 -10.83 9.82 -0.19
C PRO A 50 -11.70 10.80 0.61
N ASN A 51 -13.01 10.82 0.36
CA ASN A 51 -13.91 11.76 1.05
C ASN A 51 -14.33 11.32 2.44
N GLY A 52 -13.82 10.20 2.90
CA GLY A 52 -14.18 9.70 4.21
C GLY A 52 -13.45 10.35 5.38
N VAL A 53 -13.95 10.10 6.59
CA VAL A 53 -13.39 10.73 7.77
C VAL A 53 -11.98 10.24 8.09
N GLY A 54 -11.71 8.96 7.84
CA GLY A 54 -10.38 8.41 8.08
C GLY A 54 -9.28 9.08 7.24
N PRO A 55 -9.41 9.04 5.90
CA PRO A 55 -8.43 9.74 5.04
C PRO A 55 -8.27 11.19 5.44
N TRP A 56 -9.38 11.86 5.77
CA TRP A 56 -9.32 13.26 6.20
C TRP A 56 -8.44 13.43 7.46
N LYS A 57 -8.72 12.68 8.51
CA LYS A 57 -7.91 12.78 9.70
C LYS A 57 -6.45 12.49 9.37
N LEU A 58 -6.19 11.45 8.58
CA LEU A 58 -4.80 11.09 8.27
C LEU A 58 -4.09 12.21 7.50
N ARG A 59 -4.82 12.82 6.56
CA ARG A 59 -4.25 13.92 5.79
C ARG A 59 -3.89 15.12 6.66
N CYS A 60 -4.78 15.51 7.58
CA CYS A 60 -4.49 16.65 8.45
C CYS A 60 -3.19 16.42 9.19
N LEU A 61 -3.06 15.23 9.76
CA LEU A 61 -1.85 14.89 10.51
C LEU A 61 -0.64 14.86 9.60
N ALA A 62 -0.78 14.25 8.42
CA ALA A 62 0.37 14.14 7.50
C ALA A 62 0.83 15.51 7.02
N GLN A 63 -0.11 16.31 6.55
CA GLN A 63 0.20 17.68 6.11
C GLN A 63 0.89 18.50 7.20
N THR A 64 0.44 18.33 8.44
CA THR A 64 0.97 19.12 9.55
C THR A 64 2.42 18.74 9.84
N PHE A 65 2.68 17.46 9.97
CA PHE A 65 4.05 17.00 10.19
C PHE A 65 4.96 17.32 9.02
N ALA A 66 4.41 17.32 7.81
CA ALA A 66 5.22 17.49 6.59
C ALA A 66 5.71 18.91 6.44
N THR A 67 5.12 19.82 7.22
CA THR A 67 5.58 21.20 7.26
C THR A 67 7.00 21.26 7.86
N GLY A 68 7.29 20.31 8.74
CA GLY A 68 8.58 20.26 9.39
C GLY A 68 8.69 21.27 10.52
N GLU A 69 7.56 21.85 10.92
CA GLU A 69 7.56 22.83 12.00
C GLU A 69 7.17 22.19 13.31
N VAL A 70 6.72 20.94 13.22
CA VAL A 70 6.38 20.19 14.40
C VAL A 70 7.41 19.09 14.53
N SER A 71 8.39 19.33 15.38
CA SER A 71 9.48 18.38 15.54
C SER A 71 10.05 18.49 16.95
N GLY A 72 10.76 17.44 17.36
CA GLY A 72 11.32 17.35 18.69
C GLY A 72 11.82 15.96 18.98
N ARG A 73 11.95 15.62 20.26
CA ARG A 73 12.43 14.31 20.67
C ARG A 73 11.33 13.50 21.38
N THR A 74 10.51 14.16 22.19
CA THR A 74 9.45 13.44 22.92
C THR A 74 8.05 13.97 22.59
N LEU A 75 7.07 13.06 22.66
CA LEU A 75 5.70 13.34 22.25
C LEU A 75 4.79 12.46 23.08
N ILE A 76 3.67 13.01 23.54
CA ILE A 76 2.74 12.28 24.40
C ILE A 76 1.36 12.27 23.78
N ASP A 77 0.77 11.08 23.68
CA ASP A 77 -0.55 10.92 23.10
C ASP A 77 -1.55 10.77 24.23
N ILE A 78 -2.40 11.78 24.37
CA ILE A 78 -3.38 11.90 25.45
C ILE A 78 -4.68 11.20 25.13
N GLY A 79 -5.05 10.21 25.96
CA GLY A 79 -6.31 9.52 25.78
C GLY A 79 -6.33 8.69 24.50
N SER A 80 -5.33 7.84 24.36
CA SER A 80 -5.12 7.06 23.16
C SER A 80 -6.25 6.07 22.94
N GLY A 81 -6.84 5.63 24.04
CA GLY A 81 -7.72 4.50 23.95
C GLY A 81 -7.05 3.31 23.27
N PRO A 82 -7.83 2.55 22.50
CA PRO A 82 -7.30 1.38 21.81
C PRO A 82 -6.80 1.71 20.40
N THR A 83 -6.35 2.93 20.11
CA THR A 83 -6.04 3.30 18.71
C THR A 83 -4.64 3.90 18.49
N VAL A 84 -4.05 3.60 17.33
CA VAL A 84 -2.71 4.07 17.02
C VAL A 84 -2.66 5.04 15.82
N TYR A 85 -3.72 5.07 15.02
CA TYR A 85 -3.71 5.83 13.76
C TYR A 85 -3.27 7.28 13.96
N GLN A 86 -3.62 7.83 15.11
CA GLN A 86 -3.30 9.22 15.42
C GLN A 86 -1.79 9.46 15.51
N LEU A 87 -0.98 8.40 15.52
CA LEU A 87 0.47 8.56 15.64
C LEU A 87 1.28 8.10 14.42
N LEU A 88 0.58 7.55 13.43
CA LEU A 88 1.21 7.01 12.23
C LEU A 88 2.16 7.98 11.54
N SER A 89 1.77 9.25 11.42
CA SER A 89 2.63 10.22 10.75
C SER A 89 3.54 10.85 11.78
N ALA A 90 3.09 10.86 13.02
CA ALA A 90 3.85 11.54 14.04
C ALA A 90 5.15 10.79 14.31
N CYS A 91 5.11 9.45 14.25
CA CYS A 91 6.23 8.63 14.72
C CYS A 91 7.56 8.90 14.03
N SER A 92 7.54 9.38 12.80
CA SER A 92 8.81 9.62 12.12
C SER A 92 9.46 10.95 12.54
N HIS A 93 8.86 11.66 13.48
CA HIS A 93 9.37 12.97 13.91
C HIS A 93 9.72 13.05 15.39
N PHE A 94 9.42 11.98 16.13
CA PHE A 94 9.68 11.95 17.57
C PHE A 94 10.17 10.56 17.95
N GLU A 95 11.33 10.48 18.60
CA GLU A 95 11.92 9.18 18.90
C GLU A 95 11.40 8.58 20.19
N ASP A 96 10.85 9.44 21.05
CA ASP A 96 10.26 8.97 22.30
C ASP A 96 8.76 9.32 22.35
N ILE A 97 7.93 8.29 22.28
CA ILE A 97 6.51 8.52 22.24
C ILE A 97 5.86 7.80 23.39
N THR A 98 5.09 8.54 24.16
CA THR A 98 4.33 7.98 25.25
C THR A 98 2.84 7.91 24.89
N MET A 99 2.23 6.75 25.05
CA MET A 99 0.80 6.64 24.84
C MET A 99 0.08 6.57 26.20
N THR A 100 -1.18 6.97 26.24
CA THR A 100 -1.86 7.00 27.52
C THR A 100 -3.34 6.70 27.40
N ASP A 101 -3.91 6.20 28.50
CA ASP A 101 -5.35 6.14 28.60
C ASP A 101 -5.83 5.92 30.03
N PHE A 102 -7.11 6.20 30.25
CA PHE A 102 -7.68 6.17 31.59
C PHE A 102 -7.98 4.73 32.01
N LEU A 103 -8.40 3.91 31.05
CA LEU A 103 -8.77 2.54 31.32
C LEU A 103 -7.62 1.56 31.13
N GLU A 104 -7.58 0.53 31.97
CA GLU A 104 -6.64 -0.55 31.80
C GLU A 104 -6.95 -1.32 30.52
N VAL A 105 -8.22 -1.64 30.31
CA VAL A 105 -8.61 -2.44 29.14
C VAL A 105 -8.07 -1.86 27.82
N ASN A 106 -7.93 -0.55 27.75
CA ASN A 106 -7.43 0.06 26.53
C ASN A 106 -5.93 -0.07 26.47
N ARG A 107 -5.25 0.23 27.58
CA ARG A 107 -3.81 0.02 27.62
C ARG A 107 -3.46 -1.44 27.25
N GLN A 108 -4.25 -2.39 27.72
CA GLN A 108 -4.00 -3.80 27.36
C GLN A 108 -4.25 -4.03 25.87
N GLU A 109 -5.21 -3.31 25.31
CA GLU A 109 -5.57 -3.50 23.92
C GLU A 109 -4.49 -2.90 23.04
N LEU A 110 -3.91 -1.78 23.49
CA LEU A 110 -2.75 -1.18 22.82
C LEU A 110 -1.56 -2.13 22.88
N GLY A 111 -1.27 -2.61 24.08
CA GLY A 111 -0.22 -3.59 24.31
C GLY A 111 -0.28 -4.74 23.34
N ARG A 112 -1.48 -5.24 23.07
CA ARG A 112 -1.66 -6.33 22.12
C ARG A 112 -1.20 -6.00 20.70
N TRP A 113 -1.29 -4.73 20.29
CA TRP A 113 -0.86 -4.37 18.95
C TRP A 113 0.62 -3.99 18.97
N LEU A 114 1.04 -3.30 20.01
CA LEU A 114 2.44 -2.91 20.11
C LEU A 114 3.35 -4.15 20.10
N GLN A 115 2.93 -5.18 20.81
CA GLN A 115 3.76 -6.38 20.92
C GLN A 115 3.44 -7.41 19.84
N GLU A 116 2.57 -7.04 18.91
CA GLU A 116 2.12 -7.96 17.86
C GLU A 116 1.54 -9.26 18.41
N GLU A 117 1.00 -9.19 19.62
CA GLU A 117 0.42 -10.35 20.29
C GLU A 117 -0.80 -10.86 19.54
N PRO A 118 -1.39 -11.97 20.02
CA PRO A 118 -2.63 -12.50 19.43
C PRO A 118 -3.86 -11.66 19.78
N GLY A 119 -4.76 -11.52 18.80
CA GLY A 119 -5.97 -10.75 18.97
C GLY A 119 -5.82 -9.25 18.77
N ALA A 120 -4.65 -8.82 18.29
CA ALA A 120 -4.44 -7.41 18.03
C ALA A 120 -5.41 -6.94 16.96
N PHE A 121 -5.76 -5.66 17.03
CA PHE A 121 -6.56 -5.02 16.01
C PHE A 121 -5.70 -4.79 14.77
N ASN A 122 -6.30 -4.98 13.60
CA ASN A 122 -5.62 -4.75 12.35
C ASN A 122 -5.68 -3.29 11.85
N TRP A 123 -4.60 -2.55 12.08
CA TRP A 123 -4.48 -1.17 11.64
C TRP A 123 -3.87 -1.04 10.25
N SER A 124 -3.56 -2.16 9.63
CA SER A 124 -2.77 -2.13 8.39
C SER A 124 -3.33 -1.18 7.33
N MET A 125 -4.66 -1.13 7.19
CA MET A 125 -5.31 -0.12 6.32
C MET A 125 -4.90 1.33 6.62
N TYR A 126 -4.84 1.68 7.90
CA TYR A 126 -4.47 3.04 8.25
C TYR A 126 -2.98 3.25 7.93
N SER A 127 -2.15 2.28 8.26
CA SER A 127 -0.71 2.32 7.96
C SER A 127 -0.45 2.52 6.47
N GLN A 128 -1.14 1.71 5.66
CA GLN A 128 -1.02 1.78 4.20
C GLN A 128 -1.42 3.16 3.73
N HIS A 129 -2.53 3.69 4.24
CA HIS A 129 -2.97 5.03 3.79
C HIS A 129 -2.06 6.16 4.26
N ALA A 130 -1.59 6.07 5.50
CA ALA A 130 -0.60 7.04 5.96
C ALA A 130 0.61 7.04 5.00
N CYS A 131 1.10 5.86 4.63
CA CYS A 131 2.24 5.78 3.68
C CYS A 131 1.88 6.36 2.31
N LEU A 132 0.69 6.02 1.85
CA LEU A 132 0.14 6.53 0.60
C LEU A 132 0.10 8.06 0.61
N ILE A 133 -0.44 8.65 1.68
CA ILE A 133 -0.59 10.11 1.84
C ILE A 133 0.76 10.81 2.02
N GLU A 134 1.64 10.23 2.82
CA GLU A 134 2.93 10.86 3.03
C GLU A 134 3.76 10.90 1.77
N GLY A 135 3.49 9.99 0.85
CA GLY A 135 4.13 10.04 -0.44
C GLY A 135 5.65 9.81 -0.43
N LYS A 136 6.17 9.09 0.55
CA LYS A 136 7.60 8.80 0.57
C LYS A 136 7.93 7.39 0.02
N GLY A 137 6.94 6.71 -0.52
CA GLY A 137 7.18 5.36 -1.02
C GLY A 137 7.51 4.35 0.07
N GLU A 138 7.23 4.69 1.33
CA GLU A 138 7.48 3.80 2.46
C GLU A 138 6.45 2.69 2.49
N CYS A 139 6.87 1.49 2.87
CA CYS A 139 5.95 0.37 2.95
C CYS A 139 5.30 0.43 4.32
N TRP A 140 4.11 -0.14 4.46
CA TRP A 140 3.38 0.04 5.70
C TRP A 140 3.98 -0.76 6.84
N GLN A 141 4.64 -1.88 6.52
CA GLN A 141 5.38 -2.64 7.54
C GLN A 141 6.49 -1.83 8.21
N ASP A 142 7.19 -0.98 7.46
CA ASP A 142 8.25 -0.16 8.06
C ASP A 142 7.64 0.89 8.97
N LYS A 143 6.50 1.42 8.55
CA LYS A 143 5.79 2.45 9.29
C LYS A 143 5.35 1.87 10.64
N GLU A 144 4.73 0.68 10.62
CA GLU A 144 4.27 0.06 11.85
C GLU A 144 5.47 -0.25 12.73
N ARG A 145 6.49 -0.83 12.11
CA ARG A 145 7.73 -1.15 12.81
C ARG A 145 8.34 0.09 13.49
N GLN A 146 8.34 1.24 12.81
CA GLN A 146 8.84 2.49 13.44
C GLN A 146 7.95 3.01 14.57
N LEU A 147 6.64 2.87 14.41
CA LEU A 147 5.74 3.29 15.48
C LEU A 147 5.94 2.42 16.74
N ARG A 148 5.92 1.10 16.56
CA ARG A 148 6.12 0.17 17.68
C ARG A 148 7.44 0.42 18.40
N ALA A 149 8.49 0.69 17.65
CA ALA A 149 9.80 0.92 18.23
C ALA A 149 9.82 2.23 19.02
N ARG A 150 9.10 3.23 18.54
CA ARG A 150 9.24 4.55 19.13
C ARG A 150 8.33 4.79 20.33
N VAL A 151 7.32 3.93 20.46
CA VAL A 151 6.43 3.94 21.61
C VAL A 151 7.12 3.26 22.79
N LYS A 152 7.67 4.08 23.67
CA LYS A 152 8.45 3.59 24.79
C LYS A 152 7.56 3.07 25.93
N ARG A 153 6.40 3.71 26.13
CA ARG A 153 5.54 3.37 27.27
C ARG A 153 4.06 3.70 27.04
N VAL A 154 3.18 2.94 27.67
CA VAL A 154 1.75 3.18 27.67
C VAL A 154 1.30 3.44 29.11
N LEU A 155 0.98 4.69 29.42
CA LEU A 155 0.72 5.12 30.80
C LEU A 155 -0.76 5.38 31.09
N PRO A 156 -1.17 5.13 32.34
CA PRO A 156 -2.48 5.54 32.81
C PRO A 156 -2.53 7.07 32.90
N ILE A 157 -3.71 7.65 32.79
CA ILE A 157 -3.83 9.09 32.77
C ILE A 157 -5.25 9.48 33.13
N ASP A 158 -5.38 10.70 33.65
CA ASP A 158 -6.68 11.26 34.00
C ASP A 158 -6.58 12.75 33.75
N VAL A 159 -7.25 13.23 32.70
CA VAL A 159 -7.11 14.64 32.32
C VAL A 159 -7.76 15.62 33.30
N HIS A 160 -8.57 15.09 34.21
CA HIS A 160 -9.24 15.91 35.20
C HIS A 160 -8.30 16.32 36.32
N GLN A 161 -7.27 15.52 36.56
CA GLN A 161 -6.20 15.86 37.51
C GLN A 161 -5.30 16.98 36.97
N PRO A 162 -4.98 17.98 37.82
CA PRO A 162 -4.06 19.08 37.46
C PRO A 162 -2.69 18.55 37.07
N GLN A 163 -2.41 17.31 37.47
CA GLN A 163 -1.25 16.60 36.97
C GLN A 163 -1.74 15.24 36.45
N PRO A 164 -2.12 15.21 35.16
CA PRO A 164 -2.82 14.08 34.52
C PRO A 164 -2.06 12.76 34.61
N LEU A 165 -0.73 12.84 34.54
CA LEU A 165 0.12 11.66 34.54
C LEU A 165 0.49 11.24 35.95
N GLY A 166 0.44 12.19 36.89
CA GLY A 166 0.79 11.91 38.27
C GLY A 166 2.03 12.65 38.73
N ALA A 167 2.62 12.17 39.81
CA ALA A 167 3.78 12.82 40.40
C ALA A 167 5.10 12.46 39.70
N GLY A 168 5.46 11.18 39.75
CA GLY A 168 6.73 10.73 39.23
C GLY A 168 6.55 9.81 38.05
N SER A 169 6.03 10.37 36.95
CA SER A 169 5.78 9.59 35.74
C SER A 169 7.08 9.33 34.97
N PRO A 170 7.20 8.12 34.42
CA PRO A 170 8.33 7.74 33.55
C PRO A 170 8.39 8.60 32.28
N ALA A 171 7.39 9.46 32.09
CA ALA A 171 7.28 10.25 30.88
C ALA A 171 8.16 11.50 30.89
N PRO A 172 9.06 11.62 29.91
CA PRO A 172 9.93 12.79 29.85
C PRO A 172 9.08 14.04 29.81
N LEU A 173 9.23 14.90 30.80
CA LEU A 173 8.48 16.14 30.80
C LEU A 173 9.43 17.32 30.83
N PRO A 174 9.03 18.44 30.22
CA PRO A 174 7.79 18.57 29.47
C PRO A 174 7.97 18.03 28.06
N ALA A 175 6.91 17.48 27.49
CA ALA A 175 6.98 16.92 26.14
C ALA A 175 7.19 18.02 25.11
N ASP A 176 7.74 17.66 23.95
CA ASP A 176 7.96 18.60 22.85
C ASP A 176 6.68 18.81 22.05
N ALA A 177 5.77 17.85 22.12
CA ALA A 177 4.52 17.95 21.38
C ALA A 177 3.47 17.03 21.99
N LEU A 178 2.20 17.42 21.86
CA LEU A 178 1.07 16.62 22.31
C LEU A 178 0.19 16.25 21.14
N VAL A 179 -0.34 15.05 21.17
CA VAL A 179 -1.39 14.66 20.24
C VAL A 179 -2.58 14.13 21.06
N SER A 180 -3.80 14.51 20.72
CA SER A 180 -4.97 13.96 21.39
C SER A 180 -6.15 13.93 20.45
N ALA A 181 -6.83 12.78 20.42
CA ALA A 181 -7.94 12.57 19.49
C ALA A 181 -9.19 12.05 20.19
N PHE A 182 -10.29 12.79 20.08
CA PHE A 182 -11.58 12.38 20.65
C PHE A 182 -11.52 12.06 22.15
N CYS A 183 -10.67 12.81 22.87
CA CYS A 183 -10.51 12.61 24.29
C CYS A 183 -11.28 13.62 25.15
N LEU A 184 -10.81 14.86 25.18
CA LEU A 184 -11.38 15.88 26.07
C LEU A 184 -12.92 15.96 26.01
N GLU A 185 -13.45 16.32 24.85
CA GLU A 185 -14.89 16.45 24.70
C GLU A 185 -15.68 15.20 25.11
N ALA A 186 -15.01 14.05 25.11
CA ALA A 186 -15.68 12.81 25.44
C ALA A 186 -15.58 12.47 26.91
N VAL A 187 -14.71 13.15 27.67
CA VAL A 187 -14.59 12.87 29.11
C VAL A 187 -15.08 14.02 30.01
N SER A 188 -15.52 15.09 29.37
CA SER A 188 -15.94 16.28 30.07
C SER A 188 -17.45 16.46 30.03
N PRO A 189 -18.06 16.66 31.21
CA PRO A 189 -19.51 16.83 31.36
C PRO A 189 -20.05 18.10 30.69
N ASP A 190 -19.19 19.09 30.51
CA ASP A 190 -19.63 20.34 29.89
C ASP A 190 -18.44 21.17 29.45
N LEU A 191 -18.73 22.33 28.86
CA LEU A 191 -17.70 23.20 28.32
C LEU A 191 -16.60 23.54 29.33
N ALA A 192 -16.99 23.99 30.52
CA ALA A 192 -16.03 24.41 31.53
C ALA A 192 -15.04 23.32 31.89
N SER A 193 -15.53 22.08 32.03
CA SER A 193 -14.66 20.93 32.31
C SER A 193 -13.71 20.71 31.13
N PHE A 194 -14.25 20.86 29.92
CA PHE A 194 -13.44 20.67 28.72
C PHE A 194 -12.30 21.66 28.79
N GLN A 195 -12.61 22.89 29.20
CA GLN A 195 -11.59 23.92 29.30
C GLN A 195 -10.53 23.58 30.32
N ARG A 196 -10.93 23.03 31.46
CA ARG A 196 -9.96 22.77 32.52
C ARG A 196 -9.09 21.59 32.18
N ALA A 197 -9.70 20.57 31.57
CA ALA A 197 -8.95 19.42 31.05
C ALA A 197 -7.87 19.86 30.07
N LEU A 198 -8.20 20.81 29.20
CA LEU A 198 -7.19 21.34 28.28
C LEU A 198 -6.05 22.02 29.04
N ASP A 199 -6.42 22.79 30.06
CA ASP A 199 -5.43 23.43 30.92
C ASP A 199 -4.51 22.36 31.53
N HIS A 200 -5.11 21.27 31.98
CA HIS A 200 -4.31 20.24 32.65
C HIS A 200 -3.24 19.63 31.72
N ILE A 201 -3.66 19.20 30.54
CA ILE A 201 -2.72 18.57 29.62
C ILE A 201 -1.75 19.62 29.08
N THR A 202 -2.19 20.86 29.00
CA THR A 202 -1.30 21.90 28.51
C THR A 202 -0.07 22.07 29.39
N THR A 203 -0.18 21.74 30.68
CA THR A 203 0.99 21.77 31.58
C THR A 203 2.07 20.77 31.17
N LEU A 204 1.66 19.70 30.47
CA LEU A 204 2.57 18.65 30.00
C LEU A 204 3.41 19.11 28.83
N LEU A 205 2.92 20.14 28.14
CA LEU A 205 3.56 20.62 26.92
C LEU A 205 4.56 21.74 27.21
N ARG A 206 5.80 21.52 26.80
CA ARG A 206 6.82 22.54 26.87
C ARG A 206 6.35 23.81 26.15
N PRO A 207 6.71 24.98 26.68
CA PRO A 207 6.41 26.26 26.02
C PRO A 207 7.01 26.29 24.61
N GLY A 208 6.24 26.74 23.62
CA GLY A 208 6.71 26.74 22.25
C GLY A 208 6.49 25.39 21.59
N GLY A 209 5.97 24.44 22.35
CA GLY A 209 5.67 23.11 21.83
C GLY A 209 4.38 23.09 21.05
N HIS A 210 4.06 21.95 20.44
CA HIS A 210 2.88 21.86 19.59
C HIS A 210 1.82 20.86 20.09
N LEU A 211 0.56 21.27 20.04
CA LEU A 211 -0.56 20.36 20.29
C LEU A 211 -1.34 20.08 18.99
N LEU A 212 -1.61 18.82 18.72
CA LEU A 212 -2.46 18.48 17.60
C LEU A 212 -3.71 17.83 18.15
N LEU A 213 -4.83 18.55 18.07
CA LEU A 213 -6.06 18.10 18.68
C LEU A 213 -7.10 17.74 17.61
N ILE A 214 -7.58 16.51 17.66
CA ILE A 214 -8.68 16.06 16.80
C ILE A 214 -9.86 15.77 17.72
N GLY A 215 -11.07 16.08 17.28
CA GLY A 215 -12.22 15.93 18.16
C GLY A 215 -13.56 15.91 17.43
N ALA A 216 -14.60 15.44 18.12
CA ALA A 216 -15.93 15.38 17.53
C ALA A 216 -16.60 16.76 17.66
N LEU A 217 -17.35 17.17 16.64
CA LEU A 217 -18.08 18.44 16.69
C LEU A 217 -19.56 18.23 16.89
N GLU A 218 -20.13 19.01 17.83
CA GLU A 218 -21.54 18.98 18.15
C GLU A 218 -22.04 17.56 18.37
N GLU A 219 -21.25 16.75 19.06
CA GLU A 219 -21.64 15.37 19.36
C GLU A 219 -22.12 15.32 20.80
N SER A 220 -23.08 14.45 21.14
CA SER A 220 -23.48 14.42 22.54
C SER A 220 -23.45 13.04 23.17
N TRP A 221 -23.37 12.00 22.36
CA TRP A 221 -23.17 10.65 22.90
C TRP A 221 -22.53 9.75 21.84
N TYR A 222 -21.91 8.66 22.28
CA TYR A 222 -21.47 7.60 21.39
C TYR A 222 -21.43 6.29 22.17
N LEU A 223 -21.54 5.18 21.43
CA LEU A 223 -21.64 3.88 22.07
C LEU A 223 -20.33 3.12 22.00
N ALA A 224 -20.01 2.41 23.07
CA ALA A 224 -18.85 1.54 23.08
C ALA A 224 -19.23 0.19 23.67
N GLY A 225 -20.10 -0.54 22.97
CA GLY A 225 -20.63 -1.80 23.44
C GLY A 225 -21.82 -1.57 24.35
N GLU A 226 -21.73 -2.08 25.58
CA GLU A 226 -22.74 -1.82 26.63
C GLU A 226 -22.67 -0.38 27.16
N ALA A 227 -21.49 0.22 27.16
CA ALA A 227 -21.33 1.59 27.66
C ALA A 227 -21.93 2.61 26.70
N ARG A 228 -22.47 3.67 27.27
CA ARG A 228 -23.07 4.72 26.50
C ARG A 228 -22.54 6.02 27.05
N LEU A 229 -21.57 6.59 26.35
CA LEU A 229 -20.81 7.72 26.83
C LEU A 229 -21.43 9.04 26.40
N THR A 230 -21.46 9.97 27.35
CA THR A 230 -21.93 11.34 27.14
C THR A 230 -20.79 12.21 26.62
N VAL A 231 -21.13 13.14 25.76
CA VAL A 231 -20.13 13.97 25.13
C VAL A 231 -20.58 15.42 25.20
N VAL A 232 -19.67 16.33 25.52
CA VAL A 232 -20.00 17.74 25.42
C VAL A 232 -19.99 18.22 23.97
N PRO A 233 -21.15 18.59 23.45
CA PRO A 233 -21.22 19.13 22.09
C PRO A 233 -20.48 20.45 22.00
N VAL A 234 -19.47 20.49 21.13
CA VAL A 234 -18.67 21.69 20.95
C VAL A 234 -18.69 22.14 19.49
N SER A 235 -18.35 23.40 19.27
CA SER A 235 -18.34 23.94 17.91
C SER A 235 -16.93 24.30 17.59
N GLU A 236 -16.66 24.65 16.34
CA GLU A 236 -15.30 25.05 15.97
C GLU A 236 -14.81 26.27 16.75
N GLU A 237 -15.67 27.27 16.93
CA GLU A 237 -15.32 28.51 17.65
C GLU A 237 -15.11 28.27 19.14
N GLU A 238 -15.93 27.42 19.74
CA GLU A 238 -15.71 27.05 21.14
C GLU A 238 -14.35 26.39 21.30
N VAL A 239 -13.97 25.59 20.30
CA VAL A 239 -12.68 24.90 20.34
C VAL A 239 -11.56 25.91 20.21
N ARG A 240 -11.66 26.81 19.24
CA ARG A 240 -10.65 27.86 19.13
C ARG A 240 -10.52 28.76 20.38
N GLU A 241 -11.66 29.21 20.90
CA GLU A 241 -11.64 30.13 22.03
C GLU A 241 -10.96 29.39 23.17
N ALA A 242 -11.24 28.09 23.28
CA ALA A 242 -10.70 27.31 24.39
C ALA A 242 -9.19 27.11 24.26
N LEU A 243 -8.72 27.06 23.02
CA LEU A 243 -7.28 26.92 22.78
C LEU A 243 -6.57 28.22 23.11
N VAL A 244 -7.16 29.34 22.70
CA VAL A 244 -6.62 30.64 23.06
C VAL A 244 -6.54 30.81 24.58
N ARG A 245 -7.65 30.49 25.23
CA ARG A 245 -7.77 30.63 26.67
C ARG A 245 -6.65 29.87 27.38
N SER A 246 -6.34 28.68 26.89
CA SER A 246 -5.33 27.85 27.52
C SER A 246 -3.92 28.36 27.19
N GLY A 247 -3.84 29.38 26.35
CA GLY A 247 -2.55 29.95 26.02
C GLY A 247 -1.91 29.47 24.73
N TYR A 248 -2.72 29.10 23.76
CA TYR A 248 -2.17 28.63 22.49
C TYR A 248 -2.31 29.66 21.40
N LYS A 249 -1.35 29.69 20.49
CA LYS A 249 -1.55 30.33 19.21
C LYS A 249 -2.11 29.24 18.29
N VAL A 250 -3.29 29.48 17.73
CA VAL A 250 -3.90 28.52 16.81
C VAL A 250 -3.29 28.67 15.42
N ARG A 251 -2.50 27.68 15.01
CA ARG A 251 -1.85 27.70 13.70
C ARG A 251 -2.76 27.25 12.56
N ASP A 252 -3.72 26.39 12.87
CA ASP A 252 -4.63 25.83 11.89
C ASP A 252 -5.85 25.21 12.58
N LEU A 253 -7.03 25.40 12.03
CA LEU A 253 -8.21 24.76 12.56
C LEU A 253 -9.13 24.41 11.40
N ARG A 254 -9.45 23.13 11.27
CA ARG A 254 -10.14 22.65 10.10
C ARG A 254 -11.29 21.74 10.45
N THR A 255 -12.27 21.71 9.57
CA THR A 255 -13.49 21.00 9.88
C THR A 255 -13.88 19.99 8.79
N TYR A 256 -14.30 18.83 9.25
CA TYR A 256 -14.88 17.84 8.38
C TYR A 256 -16.33 17.65 8.79
N ILE A 257 -17.22 17.76 7.83
CA ILE A 257 -18.61 17.53 8.08
C ILE A 257 -18.92 16.05 7.81
N MET A 258 -19.60 15.40 8.74
CA MET A 258 -19.83 13.97 8.63
C MET A 258 -20.91 13.65 7.56
N PRO A 259 -20.51 13.04 6.43
CA PRO A 259 -21.43 12.69 5.34
C PRO A 259 -22.49 11.71 5.83
N ALA A 260 -23.66 11.74 5.20
CA ALA A 260 -24.76 10.86 5.59
C ALA A 260 -24.34 9.39 5.66
N HIS A 261 -23.48 8.98 4.73
CA HIS A 261 -23.10 7.59 4.59
C HIS A 261 -22.24 7.09 5.75
N LEU A 262 -21.61 8.03 6.47
CA LEU A 262 -20.87 7.65 7.67
C LEU A 262 -21.59 7.94 9.01
N GLN A 263 -22.87 8.31 8.96
CA GLN A 263 -23.70 8.42 10.17
C GLN A 263 -24.40 7.12 10.40
N THR A 264 -24.08 6.44 11.49
CA THR A 264 -24.40 5.02 11.56
C THR A 264 -25.18 4.51 12.77
N GLY A 265 -25.64 5.38 13.65
CA GLY A 265 -26.32 4.80 14.80
C GLY A 265 -25.41 4.48 15.99
N VAL A 266 -24.10 4.63 15.82
CA VAL A 266 -23.15 4.47 16.93
C VAL A 266 -22.93 5.80 17.68
N ASP A 267 -23.50 6.87 17.15
CA ASP A 267 -23.33 8.18 17.79
C ASP A 267 -24.11 9.23 17.04
N ASP A 268 -23.92 10.48 17.40
CA ASP A 268 -24.63 11.55 16.71
C ASP A 268 -23.67 12.66 16.31
N VAL A 269 -22.40 12.29 16.12
CA VAL A 269 -21.37 13.24 15.71
C VAL A 269 -21.83 13.99 14.44
N LYS A 270 -21.62 15.30 14.40
CA LYS A 270 -22.06 16.13 13.26
C LYS A 270 -20.87 16.39 12.34
N GLY A 271 -19.71 16.57 12.95
CA GLY A 271 -18.52 16.84 12.20
C GLY A 271 -17.32 16.43 13.03
N VAL A 272 -16.14 16.62 12.46
CA VAL A 272 -14.88 16.39 13.15
C VAL A 272 -13.97 17.58 12.92
N PHE A 273 -13.26 18.01 13.96
CA PHE A 273 -12.31 19.10 13.82
C PHE A 273 -10.86 18.68 13.99
N PHE A 274 -9.96 19.44 13.38
CA PHE A 274 -8.54 19.25 13.58
C PHE A 274 -7.91 20.58 13.91
N ALA A 275 -7.17 20.63 15.00
CA ALA A 275 -6.47 21.87 15.34
C ALA A 275 -4.97 21.67 15.54
N TRP A 276 -4.21 22.59 14.99
CA TRP A 276 -2.78 22.64 15.21
C TRP A 276 -2.49 23.88 16.01
N ALA A 277 -2.20 23.68 17.29
CA ALA A 277 -1.99 24.79 18.20
C ALA A 277 -0.57 24.78 18.73
N GLN A 278 -0.03 25.98 18.96
CA GLN A 278 1.32 26.14 19.51
C GLN A 278 1.34 26.90 20.86
N LYS A 279 1.93 26.30 21.89
CA LYS A 279 1.99 26.93 23.21
C LYS A 279 2.89 28.16 23.17
N VAL A 280 2.34 29.31 23.53
CA VAL A 280 3.08 30.56 23.37
C VAL A 280 3.27 31.25 24.71
N PRO B 14 18.62 -23.93 -39.42
CA PRO B 14 18.49 -25.36 -39.16
C PRO B 14 17.04 -25.78 -38.84
N ASP B 15 16.90 -26.61 -37.81
CA ASP B 15 15.60 -27.10 -37.39
C ASP B 15 15.21 -26.47 -36.05
N SER B 16 14.01 -25.88 -36.00
CA SER B 16 13.53 -25.26 -34.77
C SER B 16 12.85 -26.27 -33.85
N ALA B 17 12.12 -27.20 -34.47
CA ALA B 17 11.38 -28.22 -33.76
C ALA B 17 12.06 -28.81 -32.50
N PRO B 18 13.27 -29.39 -32.65
CA PRO B 18 13.87 -30.09 -31.52
C PRO B 18 14.01 -29.21 -30.27
N GLY B 19 14.49 -27.99 -30.46
CA GLY B 19 14.60 -27.05 -29.36
C GLY B 19 13.27 -26.80 -28.67
N GLN B 20 12.24 -26.46 -29.46
CA GLN B 20 10.90 -26.25 -28.94
C GLN B 20 10.44 -27.44 -28.11
N ALA B 21 10.69 -28.65 -28.61
CA ALA B 21 10.21 -29.86 -27.95
C ALA B 21 10.87 -29.98 -26.58
N ALA B 22 12.13 -29.59 -26.50
CA ALA B 22 12.84 -29.74 -25.24
C ALA B 22 12.22 -28.77 -24.21
N VAL B 23 11.93 -27.55 -24.67
CA VAL B 23 11.24 -26.53 -23.85
C VAL B 23 9.87 -27.00 -23.40
N ALA B 24 9.02 -27.32 -24.37
CA ALA B 24 7.70 -27.84 -24.03
C ALA B 24 7.80 -28.90 -22.93
N SER B 25 8.69 -29.87 -23.14
CA SER B 25 8.94 -30.97 -22.20
C SER B 25 9.34 -30.50 -20.80
N ALA B 26 10.33 -29.63 -20.71
CA ALA B 26 10.76 -29.17 -19.39
C ALA B 26 9.64 -28.48 -18.61
N TYR B 27 8.78 -27.75 -19.31
CA TYR B 27 7.72 -27.01 -18.65
C TYR B 27 6.61 -27.91 -18.12
N GLN B 28 6.52 -29.14 -18.63
CA GLN B 28 5.55 -30.08 -18.08
C GLN B 28 5.77 -30.30 -16.58
N ARG B 29 6.94 -29.92 -16.08
CA ARG B 29 7.21 -30.07 -14.64
C ARG B 29 7.23 -28.73 -13.86
N PHE B 30 6.89 -27.65 -14.55
CA PHE B 30 6.79 -26.31 -13.98
C PHE B 30 5.70 -26.29 -12.91
N GLU B 31 6.05 -25.86 -11.70
CA GLU B 31 5.11 -25.74 -10.57
C GLU B 31 4.83 -24.29 -10.19
N PRO B 32 3.65 -23.76 -10.59
CA PRO B 32 3.26 -22.37 -10.32
C PRO B 32 3.61 -21.93 -8.89
N ARG B 33 3.19 -22.71 -7.91
CA ARG B 33 3.38 -22.31 -6.52
C ARG B 33 4.84 -22.15 -6.16
N ALA B 34 5.68 -23.04 -6.67
CA ALA B 34 7.10 -22.96 -6.40
C ALA B 34 7.64 -21.68 -7.03
N TYR B 35 7.23 -21.44 -8.28
CA TYR B 35 7.70 -20.26 -9.00
C TYR B 35 7.31 -18.97 -8.26
N LEU B 36 6.08 -18.94 -7.71
CA LEU B 36 5.59 -17.77 -6.98
C LEU B 36 6.41 -17.60 -5.72
N ARG B 37 6.61 -18.71 -5.01
CA ARG B 37 7.39 -18.68 -3.79
C ARG B 37 8.84 -18.21 -4.08
N ASN B 38 9.45 -18.72 -5.15
CA ASN B 38 10.83 -18.38 -5.47
C ASN B 38 11.06 -16.91 -5.82
N ASN B 39 10.10 -16.30 -6.49
CA ASN B 39 10.33 -14.99 -7.09
C ASN B 39 9.46 -13.82 -6.59
N TYR B 40 8.34 -14.15 -5.94
CA TYR B 40 7.36 -13.15 -5.54
C TYR B 40 6.96 -13.22 -4.05
N ALA B 41 7.59 -14.10 -3.29
CA ALA B 41 7.57 -14.01 -1.84
C ALA B 41 8.96 -13.54 -1.40
N PRO B 42 9.09 -13.08 -0.14
CA PRO B 42 10.39 -12.59 0.34
C PRO B 42 11.50 -13.62 0.12
N PRO B 43 12.76 -13.18 -0.06
CA PRO B 43 13.26 -11.80 -0.02
C PRO B 43 12.94 -10.97 -1.28
N ARG B 44 12.75 -11.61 -2.42
CA ARG B 44 12.46 -10.86 -3.64
C ARG B 44 11.07 -10.22 -3.60
N GLY B 45 10.16 -10.89 -2.91
CA GLY B 45 8.78 -10.45 -2.84
C GLY B 45 8.60 -9.46 -1.71
N ASP B 46 9.69 -9.15 -1.00
CA ASP B 46 9.65 -8.12 0.01
C ASP B 46 9.82 -6.79 -0.68
N LEU B 47 8.76 -5.98 -0.72
CA LEU B 47 8.81 -4.73 -1.46
C LEU B 47 9.21 -3.53 -0.63
N CYS B 48 9.53 -3.74 0.64
CA CYS B 48 9.86 -2.62 1.51
C CYS B 48 11.14 -1.92 1.08
N ASN B 49 12.13 -2.68 0.63
CA ASN B 49 13.40 -2.07 0.19
C ASN B 49 13.27 -1.55 -1.23
N PRO B 50 13.42 -0.23 -1.39
CA PRO B 50 13.24 0.45 -2.67
C PRO B 50 14.29 0.00 -3.72
N ASN B 51 15.39 -0.56 -3.25
CA ASN B 51 16.48 -1.03 -4.11
C ASN B 51 16.27 -2.46 -4.58
N GLY B 52 15.19 -3.08 -4.15
CA GLY B 52 14.85 -4.43 -4.56
C GLY B 52 14.38 -4.51 -6.01
N VAL B 53 14.23 -5.73 -6.52
CA VAL B 53 13.85 -5.92 -7.91
C VAL B 53 12.34 -5.71 -8.14
N GLY B 54 11.51 -6.08 -7.17
CA GLY B 54 10.09 -5.84 -7.27
C GLY B 54 9.78 -4.37 -7.45
N PRO B 55 10.28 -3.53 -6.53
CA PRO B 55 10.01 -2.10 -6.69
C PRO B 55 10.55 -1.58 -8.03
N TRP B 56 11.73 -2.04 -8.41
CA TRP B 56 12.32 -1.53 -9.65
C TRP B 56 11.45 -1.88 -10.86
N LYS B 57 11.00 -3.12 -10.96
CA LYS B 57 10.07 -3.48 -12.04
C LYS B 57 8.77 -2.63 -12.00
N LEU B 58 8.16 -2.54 -10.82
CA LEU B 58 6.91 -1.76 -10.68
C LEU B 58 7.14 -0.32 -11.08
N ARG B 59 8.24 0.23 -10.61
CA ARG B 59 8.62 1.58 -10.99
C ARG B 59 8.76 1.75 -12.51
N CYS B 60 9.36 0.76 -13.18
CA CYS B 60 9.56 0.84 -14.62
C CYS B 60 8.23 0.91 -15.34
N LEU B 61 7.31 0.09 -14.91
CA LEU B 61 6.01 0.02 -15.55
C LEU B 61 5.20 1.31 -15.28
N ALA B 62 5.05 1.68 -14.02
CA ALA B 62 4.36 2.92 -13.62
C ALA B 62 4.86 4.17 -14.35
N GLN B 63 6.16 4.43 -14.28
CA GLN B 63 6.76 5.59 -14.97
C GLN B 63 6.47 5.58 -16.46
N THR B 64 6.42 4.40 -17.06
CA THR B 64 6.15 4.32 -18.49
C THR B 64 4.69 4.67 -18.79
N PHE B 65 3.78 4.18 -17.96
CA PHE B 65 2.38 4.42 -18.21
C PHE B 65 2.00 5.86 -17.86
N ALA B 66 2.77 6.44 -16.93
CA ALA B 66 2.54 7.82 -16.51
C ALA B 66 2.94 8.84 -17.55
N THR B 67 3.77 8.46 -18.51
CA THR B 67 4.09 9.40 -19.57
C THR B 67 2.83 9.69 -20.36
N GLY B 68 1.81 8.84 -20.21
CA GLY B 68 0.60 8.93 -21.02
C GLY B 68 0.73 8.47 -22.47
N GLU B 69 1.94 8.14 -22.92
CA GLU B 69 2.15 7.78 -24.33
C GLU B 69 1.78 6.33 -24.69
N VAL B 70 1.42 5.56 -23.68
CA VAL B 70 1.07 4.17 -23.90
C VAL B 70 -0.35 3.91 -23.46
N SER B 71 -1.26 3.83 -24.42
CA SER B 71 -2.67 3.69 -24.09
C SER B 71 -3.41 3.18 -25.30
N GLY B 72 -4.71 2.95 -25.13
CA GLY B 72 -5.55 2.38 -26.17
C GLY B 72 -6.66 1.57 -25.56
N ARG B 73 -7.23 0.66 -26.33
CA ARG B 73 -8.31 -0.13 -25.82
C ARG B 73 -7.84 -1.51 -25.34
N THR B 74 -7.03 -2.18 -26.15
CA THR B 74 -6.72 -3.61 -25.93
C THR B 74 -5.23 -3.83 -25.62
N LEU B 75 -4.96 -4.61 -24.58
CA LEU B 75 -3.60 -4.94 -24.23
C LEU B 75 -3.51 -6.45 -24.17
N ILE B 76 -2.39 -7.01 -24.59
CA ILE B 76 -2.18 -8.46 -24.48
C ILE B 76 -0.94 -8.72 -23.66
N ASP B 77 -1.06 -9.54 -22.62
CA ASP B 77 0.09 -9.95 -21.81
C ASP B 77 0.62 -11.32 -22.28
N ILE B 78 1.89 -11.35 -22.69
CA ILE B 78 2.52 -12.52 -23.32
C ILE B 78 3.32 -13.35 -22.32
N GLY B 79 2.89 -14.58 -22.08
CA GLY B 79 3.56 -15.43 -21.09
C GLY B 79 3.29 -15.04 -19.63
N SER B 80 2.03 -14.72 -19.31
CA SER B 80 1.72 -14.22 -17.98
C SER B 80 2.21 -15.18 -16.91
N GLY B 81 2.17 -16.47 -17.21
CA GLY B 81 2.39 -17.46 -16.17
C GLY B 81 1.35 -17.28 -15.07
N PRO B 82 1.75 -17.48 -13.81
CA PRO B 82 0.81 -17.29 -12.72
C PRO B 82 0.93 -15.91 -12.05
N THR B 83 1.36 -14.88 -12.78
CA THR B 83 1.58 -13.58 -12.13
C THR B 83 0.69 -12.51 -12.74
N VAL B 84 0.41 -11.47 -11.95
CA VAL B 84 -0.43 -10.35 -12.38
C VAL B 84 0.27 -9.01 -12.17
N TYR B 85 1.30 -8.99 -11.32
CA TYR B 85 2.00 -7.76 -10.95
C TYR B 85 2.38 -6.91 -12.16
N GLN B 86 2.63 -7.55 -13.30
CA GLN B 86 3.07 -6.85 -14.52
C GLN B 86 1.93 -6.09 -15.21
N LEU B 87 0.73 -6.28 -14.72
CA LEU B 87 -0.44 -5.60 -15.29
C LEU B 87 -1.04 -4.57 -14.32
N LEU B 88 -0.42 -4.40 -13.17
CA LEU B 88 -0.98 -3.52 -12.11
C LEU B 88 -1.10 -2.04 -12.49
N SER B 89 -0.04 -1.48 -13.07
CA SER B 89 -0.12 -0.12 -13.57
C SER B 89 -0.80 -0.01 -14.91
N ALA B 90 -0.80 -1.10 -15.67
CA ALA B 90 -1.35 -1.08 -17.01
C ALA B 90 -2.87 -1.06 -17.01
N CYS B 91 -3.52 -1.69 -16.03
CA CYS B 91 -4.96 -1.88 -16.14
C CYS B 91 -5.75 -0.58 -16.09
N SER B 92 -5.15 0.49 -15.59
CA SER B 92 -5.84 1.77 -15.60
C SER B 92 -5.82 2.46 -16.97
N HIS B 93 -5.16 1.85 -17.95
CA HIS B 93 -4.97 2.50 -19.25
C HIS B 93 -5.49 1.67 -20.42
N PHE B 94 -6.09 0.52 -20.14
CA PHE B 94 -6.55 -0.42 -21.17
C PHE B 94 -7.85 -1.08 -20.71
N GLU B 95 -8.93 -0.93 -21.49
CA GLU B 95 -10.23 -1.47 -21.09
C GLU B 95 -10.21 -2.98 -21.23
N ASP B 96 -9.54 -3.47 -22.25
CA ASP B 96 -9.59 -4.90 -22.57
C ASP B 96 -8.21 -5.54 -22.48
N ILE B 97 -8.07 -6.44 -21.52
CA ILE B 97 -6.79 -7.08 -21.26
C ILE B 97 -6.86 -8.58 -21.53
N THR B 98 -5.95 -9.08 -22.35
CA THR B 98 -5.83 -10.52 -22.52
C THR B 98 -4.63 -11.07 -21.76
N MET B 99 -4.85 -11.98 -20.80
CA MET B 99 -3.76 -12.78 -20.25
C MET B 99 -3.53 -14.07 -21.06
N THR B 100 -2.34 -14.65 -20.94
CA THR B 100 -1.99 -15.83 -21.74
C THR B 100 -0.90 -16.68 -21.09
N ASP B 101 -0.95 -17.99 -21.32
CA ASP B 101 0.17 -18.86 -20.99
C ASP B 101 0.10 -20.19 -21.72
N PHE B 102 1.26 -20.83 -21.78
CA PHE B 102 1.42 -22.09 -22.46
C PHE B 102 0.77 -23.20 -21.63
N LEU B 103 0.99 -23.13 -20.32
CA LEU B 103 0.52 -24.14 -19.39
C LEU B 103 -0.85 -23.87 -18.86
N GLU B 104 -1.68 -24.90 -18.84
CA GLU B 104 -2.99 -24.81 -18.22
C GLU B 104 -2.90 -24.58 -16.71
N VAL B 105 -1.94 -25.23 -16.05
CA VAL B 105 -1.86 -25.07 -14.61
C VAL B 105 -1.63 -23.62 -14.23
N ASN B 106 -1.01 -22.86 -15.13
CA ASN B 106 -0.78 -21.45 -14.85
C ASN B 106 -2.05 -20.67 -15.06
N ARG B 107 -2.76 -20.98 -16.13
CA ARG B 107 -4.03 -20.33 -16.39
C ARG B 107 -5.01 -20.54 -15.24
N GLN B 108 -5.02 -21.76 -14.69
CA GLN B 108 -5.84 -22.12 -13.53
C GLN B 108 -5.44 -21.31 -12.30
N GLU B 109 -4.17 -21.00 -12.18
CA GLU B 109 -3.72 -20.22 -11.05
C GLU B 109 -4.24 -18.78 -11.20
N LEU B 110 -4.12 -18.20 -12.38
CA LEU B 110 -4.76 -16.92 -12.67
C LEU B 110 -6.28 -17.01 -12.41
N GLY B 111 -6.88 -18.09 -12.88
CA GLY B 111 -8.31 -18.30 -12.71
C GLY B 111 -8.71 -18.22 -11.25
N ARG B 112 -7.85 -18.71 -10.37
CA ARG B 112 -8.10 -18.67 -8.95
C ARG B 112 -8.00 -17.25 -8.41
N TRP B 113 -7.12 -16.45 -8.97
CA TRP B 113 -6.99 -15.09 -8.51
C TRP B 113 -8.13 -14.27 -9.04
N LEU B 114 -8.44 -14.42 -10.32
CA LEU B 114 -9.60 -13.77 -10.91
C LEU B 114 -10.89 -13.99 -10.09
N GLN B 115 -11.10 -15.22 -9.61
CA GLN B 115 -12.29 -15.59 -8.85
C GLN B 115 -12.18 -15.15 -7.37
N GLU B 116 -11.07 -14.51 -7.01
CA GLU B 116 -10.86 -14.01 -5.66
C GLU B 116 -11.03 -15.10 -4.63
N GLU B 117 -10.56 -16.29 -4.98
CA GLU B 117 -10.51 -17.39 -4.03
C GLU B 117 -9.39 -17.20 -3.03
N PRO B 118 -9.61 -17.63 -1.78
CA PRO B 118 -8.60 -17.50 -0.73
C PRO B 118 -7.41 -18.41 -1.00
N GLY B 119 -7.64 -19.51 -1.70
CA GLY B 119 -6.56 -20.41 -2.10
C GLY B 119 -5.56 -19.77 -3.05
N ALA B 120 -5.98 -18.71 -3.75
CA ALA B 120 -5.12 -18.04 -4.72
C ALA B 120 -3.90 -17.37 -4.09
N PHE B 121 -2.93 -17.05 -4.94
CA PHE B 121 -1.77 -16.33 -4.48
C PHE B 121 -2.19 -14.91 -4.08
N ASN B 122 -1.55 -14.40 -3.03
CA ASN B 122 -1.82 -13.07 -2.53
C ASN B 122 -0.87 -12.02 -3.08
N TRP B 123 -1.39 -11.19 -3.98
CA TRP B 123 -0.63 -10.16 -4.64
C TRP B 123 -0.72 -8.80 -3.99
N SER B 124 -1.38 -8.73 -2.82
CA SER B 124 -1.74 -7.45 -2.22
C SER B 124 -0.55 -6.51 -1.94
N MET B 125 0.63 -7.05 -1.62
CA MET B 125 1.84 -6.20 -1.43
C MET B 125 2.28 -5.54 -2.72
N TYR B 126 2.08 -6.21 -3.84
CA TYR B 126 2.37 -5.58 -5.12
C TYR B 126 1.30 -4.53 -5.50
N SER B 127 0.04 -4.87 -5.28
CA SER B 127 -1.06 -3.92 -5.48
C SER B 127 -0.84 -2.67 -4.68
N GLN B 128 -0.59 -2.82 -3.38
CA GLN B 128 -0.32 -1.65 -2.55
CA GLN B 128 -0.30 -1.69 -2.51
C GLN B 128 0.88 -0.89 -3.08
N HIS B 129 1.95 -1.62 -3.41
CA HIS B 129 3.16 -0.93 -3.83
C HIS B 129 2.94 -0.16 -5.11
N ALA B 130 2.21 -0.75 -6.05
CA ALA B 130 1.87 0.00 -7.26
C ALA B 130 1.06 1.25 -6.96
N CYS B 131 0.10 1.13 -6.04
CA CYS B 131 -0.74 2.28 -5.63
C CYS B 131 0.14 3.36 -5.05
N LEU B 132 1.13 2.92 -4.29
CA LEU B 132 2.06 3.81 -3.63
C LEU B 132 2.93 4.58 -4.62
N ILE B 133 3.34 3.94 -5.72
CA ILE B 133 4.22 4.63 -6.66
C ILE B 133 3.47 5.44 -7.71
N GLU B 134 2.25 5.04 -7.99
CA GLU B 134 1.42 5.78 -8.93
C GLU B 134 0.98 7.13 -8.37
N GLY B 135 0.99 7.24 -7.05
CA GLY B 135 0.78 8.51 -6.36
C GLY B 135 -0.60 9.13 -6.50
N LYS B 136 -1.63 8.33 -6.76
CA LYS B 136 -2.99 8.86 -6.94
C LYS B 136 -3.85 8.58 -5.72
N GLY B 137 -3.25 8.15 -4.61
CA GLY B 137 -4.03 7.80 -3.45
C GLY B 137 -4.95 6.59 -3.57
N GLU B 138 -4.83 5.80 -4.65
CA GLU B 138 -5.72 4.65 -4.83
C GLU B 138 -5.50 3.54 -3.82
N CYS B 139 -6.58 2.92 -3.36
CA CYS B 139 -6.36 1.85 -2.41
C CYS B 139 -6.17 0.53 -3.20
N TRP B 140 -5.55 -0.47 -2.59
CA TRP B 140 -5.20 -1.65 -3.39
C TRP B 140 -6.40 -2.50 -3.83
N GLN B 141 -7.39 -2.60 -2.95
CA GLN B 141 -8.61 -3.32 -3.29
C GLN B 141 -9.24 -2.76 -4.56
N ASP B 142 -9.17 -1.44 -4.76
CA ASP B 142 -9.72 -0.83 -5.96
C ASP B 142 -8.85 -1.18 -7.16
N LYS B 143 -7.53 -1.11 -6.95
CA LYS B 143 -6.58 -1.49 -7.99
C LYS B 143 -6.87 -2.92 -8.49
N GLU B 144 -6.98 -3.86 -7.56
CA GLU B 144 -7.24 -5.27 -7.92
C GLU B 144 -8.60 -5.50 -8.57
N ARG B 145 -9.60 -4.74 -8.11
CA ARG B 145 -10.96 -4.88 -8.63
C ARG B 145 -11.02 -4.41 -10.08
N GLN B 146 -10.32 -3.32 -10.37
CA GLN B 146 -10.19 -2.87 -11.76
C GLN B 146 -9.44 -3.91 -12.64
N LEU B 147 -8.37 -4.51 -12.09
CA LEU B 147 -7.61 -5.52 -12.85
C LEU B 147 -8.47 -6.76 -13.17
N ARG B 148 -9.15 -7.30 -12.16
CA ARG B 148 -10.00 -8.46 -12.38
C ARG B 148 -11.09 -8.12 -13.41
N ALA B 149 -11.53 -6.87 -13.40
CA ALA B 149 -12.62 -6.41 -14.26
C ALA B 149 -12.18 -6.28 -15.69
N ARG B 150 -11.07 -5.60 -15.89
CA ARG B 150 -10.48 -5.43 -17.21
C ARG B 150 -9.83 -6.69 -17.87
N VAL B 151 -9.44 -7.69 -17.09
CA VAL B 151 -8.92 -8.94 -17.68
C VAL B 151 -10.10 -9.67 -18.30
N LYS B 152 -10.17 -9.69 -19.64
CA LYS B 152 -11.34 -10.23 -20.34
C LYS B 152 -11.19 -11.66 -20.83
N ARG B 153 -10.02 -12.26 -20.63
CA ARG B 153 -9.76 -13.61 -21.12
C ARG B 153 -8.36 -14.10 -20.79
N VAL B 154 -8.25 -15.41 -20.59
CA VAL B 154 -7.00 -16.09 -20.36
C VAL B 154 -6.84 -17.20 -21.40
N LEU B 155 -5.92 -16.99 -22.32
CA LEU B 155 -5.77 -17.85 -23.49
C LEU B 155 -4.49 -18.65 -23.44
N PRO B 156 -4.50 -19.78 -24.13
CA PRO B 156 -3.29 -20.54 -24.48
C PRO B 156 -2.48 -19.76 -25.49
N ILE B 157 -1.16 -19.82 -25.36
CA ILE B 157 -0.25 -19.18 -26.30
C ILE B 157 1.01 -20.03 -26.48
N ASP B 158 1.57 -20.00 -27.68
CA ASP B 158 2.89 -20.56 -27.96
C ASP B 158 3.63 -19.54 -28.81
N VAL B 159 4.67 -18.93 -28.25
CA VAL B 159 5.37 -17.89 -29.00
C VAL B 159 6.21 -18.44 -30.16
N HIS B 160 6.39 -19.75 -30.22
CA HIS B 160 7.21 -20.34 -31.29
C HIS B 160 6.39 -20.56 -32.55
N GLN B 161 5.06 -20.45 -32.44
CA GLN B 161 4.18 -20.53 -33.60
C GLN B 161 3.98 -19.17 -34.29
N PRO B 162 4.01 -19.14 -35.62
CA PRO B 162 3.88 -17.89 -36.38
C PRO B 162 2.62 -17.11 -35.96
N GLN B 163 1.60 -17.85 -35.53
CA GLN B 163 0.41 -17.26 -34.94
C GLN B 163 0.35 -17.78 -33.52
N PRO B 164 0.91 -17.00 -32.59
CA PRO B 164 1.09 -17.46 -31.22
C PRO B 164 -0.20 -17.81 -30.52
N LEU B 165 -1.31 -17.16 -30.87
CA LEU B 165 -2.58 -17.45 -30.21
C LEU B 165 -3.44 -18.40 -31.03
N GLY B 166 -2.89 -18.92 -32.12
CA GLY B 166 -3.63 -19.76 -33.03
C GLY B 166 -4.47 -18.95 -34.00
N ALA B 167 -5.14 -19.63 -34.92
CA ALA B 167 -5.91 -18.92 -35.94
C ALA B 167 -7.35 -18.69 -35.51
N GLY B 168 -7.88 -17.53 -35.86
CA GLY B 168 -9.24 -17.16 -35.49
C GLY B 168 -9.44 -17.06 -34.00
N SER B 169 -8.34 -16.81 -33.28
CA SER B 169 -8.36 -16.71 -31.84
C SER B 169 -9.29 -15.60 -31.38
N PRO B 170 -9.67 -15.66 -30.11
CA PRO B 170 -10.54 -14.66 -29.48
C PRO B 170 -9.90 -13.27 -29.51
N ALA B 171 -8.66 -13.20 -29.07
CA ALA B 171 -8.07 -11.91 -28.81
C ALA B 171 -8.41 -10.90 -29.91
N PRO B 172 -8.80 -9.69 -29.50
CA PRO B 172 -8.98 -8.60 -30.44
C PRO B 172 -7.65 -8.22 -31.02
N LEU B 173 -7.43 -8.47 -32.29
CA LEU B 173 -6.16 -8.18 -32.92
C LEU B 173 -6.39 -7.21 -34.04
N PRO B 174 -5.42 -6.34 -34.29
CA PRO B 174 -4.18 -6.28 -33.52
C PRO B 174 -4.37 -5.44 -32.26
N ALA B 175 -3.70 -5.84 -31.18
CA ALA B 175 -3.80 -5.14 -29.91
C ALA B 175 -3.09 -3.79 -29.98
N ASP B 176 -3.43 -2.88 -29.07
CA ASP B 176 -2.72 -1.61 -28.98
C ASP B 176 -1.40 -1.67 -28.20
N ALA B 177 -1.26 -2.65 -27.32
CA ALA B 177 -0.03 -2.76 -26.54
C ALA B 177 0.28 -4.23 -26.20
N LEU B 178 1.53 -4.53 -25.92
CA LEU B 178 1.91 -5.82 -25.39
C LEU B 178 2.71 -5.60 -24.12
N VAL B 179 2.47 -6.45 -23.14
CA VAL B 179 3.35 -6.56 -21.99
C VAL B 179 3.84 -7.98 -21.99
N SER B 180 5.09 -8.18 -21.60
CA SER B 180 5.63 -9.53 -21.50
C SER B 180 6.78 -9.52 -20.53
N ALA B 181 6.73 -10.39 -19.53
CA ALA B 181 7.74 -10.36 -18.51
C ALA B 181 8.32 -11.75 -18.31
N PHE B 182 9.63 -11.90 -18.58
CA PHE B 182 10.37 -13.15 -18.34
C PHE B 182 9.81 -14.33 -19.11
N CYS B 183 9.34 -14.10 -20.33
CA CYS B 183 8.84 -15.17 -21.14
C CYS B 183 9.82 -15.59 -22.31
N LEU B 184 9.96 -14.72 -23.30
CA LEU B 184 10.76 -15.00 -24.48
C LEU B 184 12.08 -15.69 -24.17
N GLU B 185 12.86 -15.15 -23.24
CA GLU B 185 14.19 -15.69 -23.02
C GLU B 185 14.14 -16.97 -22.20
N ALA B 186 12.98 -17.25 -21.60
CA ALA B 186 12.82 -18.39 -20.70
C ALA B 186 12.32 -19.61 -21.45
N VAL B 187 11.84 -19.42 -22.66
CA VAL B 187 11.29 -20.51 -23.45
C VAL B 187 12.01 -20.64 -24.81
N SER B 188 13.11 -19.88 -24.94
CA SER B 188 13.92 -19.89 -26.15
C SER B 188 15.25 -20.59 -25.95
N PRO B 189 15.46 -21.68 -26.69
CA PRO B 189 16.68 -22.48 -26.58
C PRO B 189 17.91 -21.65 -26.94
N ASP B 190 17.78 -20.79 -27.95
CA ASP B 190 18.89 -19.95 -28.41
C ASP B 190 18.43 -18.61 -28.93
N LEU B 191 19.40 -17.72 -29.15
CA LEU B 191 19.14 -16.37 -29.62
C LEU B 191 18.28 -16.28 -30.87
N ALA B 192 18.49 -17.15 -31.85
CA ALA B 192 17.70 -17.12 -33.08
C ALA B 192 16.26 -17.50 -32.81
N SER B 193 16.06 -18.41 -31.85
CA SER B 193 14.72 -18.75 -31.37
C SER B 193 14.05 -17.57 -30.64
N PHE B 194 14.77 -16.97 -29.70
CA PHE B 194 14.36 -15.70 -29.08
C PHE B 194 13.91 -14.69 -30.13
N GLN B 195 14.74 -14.50 -31.15
CA GLN B 195 14.47 -13.50 -32.16
C GLN B 195 13.22 -13.83 -32.94
N ARG B 196 13.04 -15.09 -33.29
CA ARG B 196 11.82 -15.53 -33.97
C ARG B 196 10.58 -15.41 -33.08
N ALA B 197 10.73 -15.70 -31.80
CA ALA B 197 9.60 -15.56 -30.88
C ALA B 197 9.18 -14.10 -30.77
N LEU B 198 10.15 -13.20 -30.80
CA LEU B 198 9.84 -11.79 -30.73
C LEU B 198 9.07 -11.39 -31.99
N ASP B 199 9.50 -11.90 -33.13
CA ASP B 199 8.83 -11.58 -34.40
C ASP B 199 7.38 -12.02 -34.35
N HIS B 200 7.17 -13.26 -33.91
CA HIS B 200 5.84 -13.83 -33.83
C HIS B 200 4.86 -12.96 -33.02
N ILE B 201 5.22 -12.62 -31.79
CA ILE B 201 4.32 -11.85 -30.94
C ILE B 201 4.10 -10.44 -31.50
N THR B 202 5.09 -9.94 -32.23
CA THR B 202 4.99 -8.62 -32.83
C THR B 202 3.81 -8.54 -33.81
N THR B 203 3.49 -9.66 -34.46
CA THR B 203 2.35 -9.72 -35.39
C THR B 203 1.04 -9.38 -34.69
N LEU B 204 0.98 -9.66 -33.39
CA LEU B 204 -0.20 -9.33 -32.59
C LEU B 204 -0.36 -7.83 -32.32
N LEU B 205 0.72 -7.08 -32.54
CA LEU B 205 0.77 -5.68 -32.17
C LEU B 205 0.56 -4.78 -33.38
N ARG B 206 -0.37 -3.83 -33.28
CA ARG B 206 -0.63 -2.89 -34.37
C ARG B 206 0.56 -1.99 -34.54
N PRO B 207 0.76 -1.45 -35.76
CA PRO B 207 1.84 -0.51 -36.03
C PRO B 207 1.66 0.76 -35.20
N GLY B 208 2.75 1.30 -34.68
CA GLY B 208 2.66 2.43 -33.77
C GLY B 208 2.33 2.03 -32.33
N GLY B 209 2.02 0.75 -32.12
CA GLY B 209 1.75 0.24 -30.78
C GLY B 209 2.98 0.04 -29.92
N HIS B 210 2.77 -0.24 -28.64
CA HIS B 210 3.89 -0.32 -27.69
C HIS B 210 4.09 -1.70 -27.10
N LEU B 211 5.36 -2.08 -26.98
CA LEU B 211 5.74 -3.30 -26.28
C LEU B 211 6.51 -2.98 -24.99
N LEU B 212 6.08 -3.58 -23.88
CA LEU B 212 6.79 -3.39 -22.64
C LEU B 212 7.36 -4.74 -22.27
N LEU B 213 8.67 -4.88 -22.36
CA LEU B 213 9.27 -6.18 -22.17
C LEU B 213 10.17 -6.14 -20.97
N ILE B 214 9.90 -7.03 -20.01
CA ILE B 214 10.80 -7.24 -18.88
C ILE B 214 11.40 -8.63 -19.03
N GLY B 215 12.65 -8.80 -18.65
CA GLY B 215 13.31 -10.09 -18.83
C GLY B 215 14.59 -10.23 -18.03
N ALA B 216 15.05 -11.48 -17.92
CA ALA B 216 16.28 -11.78 -17.19
C ALA B 216 17.54 -11.55 -18.06
N LEU B 217 18.62 -11.05 -17.46
CA LEU B 217 19.86 -10.83 -18.20
C LEU B 217 20.91 -11.85 -17.80
N GLU B 218 21.58 -12.45 -18.79
CA GLU B 218 22.63 -13.45 -18.56
C GLU B 218 22.19 -14.52 -17.60
N GLU B 219 21.00 -15.06 -17.81
CA GLU B 219 20.51 -16.15 -17.00
C GLU B 219 20.59 -17.44 -17.81
N SER B 220 20.95 -18.54 -17.16
CA SER B 220 20.97 -19.84 -17.86
C SER B 220 20.00 -20.87 -17.28
N TRP B 221 19.55 -20.66 -16.05
CA TRP B 221 18.57 -21.57 -15.46
C TRP B 221 17.79 -20.90 -14.34
N TYR B 222 16.58 -21.41 -14.10
CA TYR B 222 15.84 -21.08 -12.89
C TYR B 222 15.04 -22.30 -12.46
N LEU B 223 14.67 -22.34 -11.19
CA LEU B 223 13.90 -23.43 -10.61
C LEU B 223 12.42 -23.10 -10.45
N ALA B 224 11.59 -24.05 -10.88
CA ALA B 224 10.16 -23.94 -10.67
C ALA B 224 9.68 -25.24 -10.04
N GLY B 225 10.26 -25.56 -8.88
CA GLY B 225 9.90 -26.77 -8.15
C GLY B 225 10.83 -27.95 -8.46
N GLU B 226 10.25 -29.03 -8.99
CA GLU B 226 11.05 -30.16 -9.45
C GLU B 226 11.79 -29.72 -10.70
N ALA B 227 11.05 -29.03 -11.57
CA ALA B 227 11.56 -28.51 -12.83
C ALA B 227 12.68 -27.48 -12.64
N ARG B 228 13.86 -27.78 -13.18
CA ARG B 228 14.97 -26.82 -13.26
C ARG B 228 15.23 -26.40 -14.71
N LEU B 229 14.63 -25.30 -15.17
CA LEU B 229 14.54 -25.01 -16.59
C LEU B 229 15.69 -24.21 -17.18
N THR B 230 15.81 -24.32 -18.50
CA THR B 230 16.95 -23.81 -19.25
C THR B 230 16.64 -22.49 -19.95
N VAL B 231 17.50 -21.52 -19.73
CA VAL B 231 17.27 -20.18 -20.24
C VAL B 231 18.42 -19.80 -21.14
N VAL B 232 18.13 -19.04 -22.19
CA VAL B 232 19.17 -18.46 -23.05
C VAL B 232 19.66 -17.20 -22.40
N PRO B 233 20.96 -17.18 -22.05
CA PRO B 233 21.55 -15.97 -21.48
C PRO B 233 21.60 -14.88 -22.54
N VAL B 234 20.83 -13.80 -22.36
CA VAL B 234 20.93 -12.65 -23.26
C VAL B 234 21.54 -11.43 -22.59
N SER B 235 22.03 -10.50 -23.40
CA SER B 235 22.63 -9.29 -22.89
C SER B 235 21.70 -8.14 -23.26
N GLU B 236 21.96 -6.96 -22.72
CA GLU B 236 21.15 -5.81 -23.09
C GLU B 236 21.21 -5.59 -24.58
N GLU B 237 22.42 -5.63 -25.15
CA GLU B 237 22.60 -5.29 -26.56
C GLU B 237 21.89 -6.27 -27.46
N GLU B 238 22.02 -7.57 -27.13
CA GLU B 238 21.25 -8.60 -27.82
C GLU B 238 19.74 -8.31 -27.80
N VAL B 239 19.24 -7.80 -26.65
CA VAL B 239 17.83 -7.47 -26.55
C VAL B 239 17.51 -6.29 -27.44
N ARG B 240 18.34 -5.24 -27.39
CA ARG B 240 18.15 -4.06 -28.24
C ARG B 240 18.19 -4.41 -29.71
N GLU B 241 19.20 -5.21 -30.09
CA GLU B 241 19.34 -5.61 -31.48
C GLU B 241 18.07 -6.35 -31.93
N ALA B 242 17.60 -7.28 -31.10
CA ALA B 242 16.42 -8.07 -31.46
C ALA B 242 15.18 -7.21 -31.67
N LEU B 243 15.01 -6.22 -30.82
CA LEU B 243 13.89 -5.29 -30.92
C LEU B 243 14.02 -4.55 -32.23
N VAL B 244 15.20 -4.02 -32.51
CA VAL B 244 15.42 -3.34 -33.79
C VAL B 244 15.13 -4.28 -34.97
N ARG B 245 15.66 -5.49 -34.92
CA ARG B 245 15.46 -6.46 -35.99
C ARG B 245 13.99 -6.77 -36.23
N SER B 246 13.16 -6.67 -35.17
CA SER B 246 11.73 -6.97 -35.29
C SER B 246 10.90 -5.78 -35.74
N GLY B 247 11.54 -4.62 -35.89
CA GLY B 247 10.83 -3.48 -36.44
C GLY B 247 10.33 -2.47 -35.42
N TYR B 248 10.99 -2.44 -34.27
CA TYR B 248 10.66 -1.52 -33.18
C TYR B 248 11.62 -0.36 -33.12
N LYS B 249 11.14 0.77 -32.63
CA LYS B 249 12.05 1.79 -32.16
C LYS B 249 12.18 1.64 -30.66
N VAL B 250 13.40 1.54 -30.19
CA VAL B 250 13.65 1.38 -28.77
C VAL B 250 13.53 2.75 -28.13
N ARG B 251 12.48 2.94 -27.33
CA ARG B 251 12.27 4.19 -26.61
C ARG B 251 12.99 4.20 -25.26
N ASP B 252 13.10 3.03 -24.65
CA ASP B 252 13.77 2.98 -23.36
C ASP B 252 14.26 1.58 -23.17
N LEU B 253 15.42 1.45 -22.56
CA LEU B 253 15.98 0.15 -22.23
C LEU B 253 16.88 0.35 -21.04
N ARG B 254 16.50 -0.22 -19.90
CA ARG B 254 17.31 -0.02 -18.70
C ARG B 254 17.56 -1.33 -18.00
N THR B 255 18.52 -1.30 -17.09
CA THR B 255 19.02 -2.51 -16.47
C THR B 255 19.09 -2.40 -14.98
N TYR B 256 18.76 -3.49 -14.32
CA TYR B 256 18.92 -3.57 -12.90
C TYR B 256 19.91 -4.70 -12.65
N ILE B 257 20.92 -4.43 -11.84
CA ILE B 257 21.86 -5.47 -11.49
C ILE B 257 21.42 -6.20 -10.21
N MET B 258 21.21 -7.50 -10.30
CA MET B 258 20.73 -8.25 -9.15
C MET B 258 21.72 -8.20 -7.99
N PRO B 259 21.29 -7.70 -6.84
CA PRO B 259 22.14 -7.62 -5.64
C PRO B 259 22.33 -8.98 -5.02
N ALA B 260 23.48 -9.17 -4.37
CA ALA B 260 23.82 -10.43 -3.73
C ALA B 260 22.67 -10.89 -2.86
N HIS B 261 22.09 -9.95 -2.13
CA HIS B 261 21.03 -10.28 -1.22
C HIS B 261 19.81 -10.93 -1.89
N LEU B 262 19.59 -10.62 -3.16
CA LEU B 262 18.45 -11.19 -3.86
C LEU B 262 18.86 -12.41 -4.73
N GLN B 263 20.14 -12.76 -4.73
CA GLN B 263 20.59 -13.98 -5.38
C GLN B 263 20.47 -15.14 -4.42
N THR B 264 19.47 -15.98 -4.64
CA THR B 264 19.03 -16.93 -3.63
C THR B 264 19.25 -18.39 -4.03
N GLY B 265 19.69 -18.63 -5.25
CA GLY B 265 19.88 -20.00 -5.65
C GLY B 265 18.67 -20.59 -6.32
N VAL B 266 17.66 -19.77 -6.60
CA VAL B 266 16.51 -20.21 -7.37
C VAL B 266 16.83 -19.99 -8.87
N ASP B 267 17.95 -19.31 -9.12
CA ASP B 267 18.43 -19.08 -10.48
C ASP B 267 19.87 -18.57 -10.50
N ASP B 268 20.39 -18.30 -11.69
CA ASP B 268 21.71 -17.67 -11.80
C ASP B 268 21.60 -16.30 -12.49
N VAL B 269 20.44 -15.65 -12.31
CA VAL B 269 20.18 -14.36 -12.94
C VAL B 269 21.22 -13.32 -12.51
N LYS B 270 21.70 -12.53 -13.45
CA LYS B 270 22.69 -11.50 -13.09
C LYS B 270 22.03 -10.13 -13.00
N GLY B 271 20.96 -9.95 -13.76
CA GLY B 271 20.26 -8.69 -13.75
C GLY B 271 18.98 -8.85 -14.52
N VAL B 272 18.21 -7.77 -14.57
CA VAL B 272 16.92 -7.76 -15.23
C VAL B 272 16.90 -6.54 -16.13
N PHE B 273 16.23 -6.67 -17.27
CA PHE B 273 16.11 -5.56 -18.19
C PHE B 273 14.66 -5.16 -18.30
N PHE B 274 14.43 -3.90 -18.62
CA PHE B 274 13.12 -3.44 -19.00
C PHE B 274 13.26 -2.67 -20.29
N ALA B 275 12.41 -2.99 -21.26
CA ALA B 275 12.47 -2.35 -22.56
C ALA B 275 11.13 -1.76 -22.90
N TRP B 276 11.10 -0.50 -23.31
CA TRP B 276 9.89 0.08 -23.86
C TRP B 276 10.15 0.34 -25.33
N ALA B 277 9.44 -0.35 -26.21
CA ALA B 277 9.67 -0.28 -27.64
C ALA B 277 8.36 -0.04 -28.35
N GLN B 278 8.43 0.68 -29.46
CA GLN B 278 7.24 1.07 -30.19
C GLN B 278 7.33 0.56 -31.62
N LYS B 279 6.31 -0.18 -32.05
CA LYS B 279 6.35 -0.82 -33.36
C LYS B 279 6.32 0.24 -34.45
N VAL B 280 7.30 0.20 -35.33
CA VAL B 280 7.39 1.18 -36.41
C VAL B 280 6.26 0.99 -37.41
N GLY B 281 5.47 2.05 -37.57
CA GLY B 281 4.33 2.03 -38.47
C GLY B 281 4.22 3.31 -39.28
#